data_5KPR
#
_entry.id   5KPR
#
_cell.length_a   98.965
_cell.length_b   98.965
_cell.length_c   68.783
_cell.angle_alpha   90.00
_cell.angle_beta   90.00
_cell.angle_gamma   120.00
#
_symmetry.space_group_name_H-M   'P 31 2 1'
#
loop_
_entity.id
_entity.type
_entity.pdbx_description
1 polymer 'Pantothenate kinase 3'
2 non-polymer 'MAGNESIUM ION'
3 non-polymer 'PHOSPHOAMINOPHOSPHONIC ACID-ADENYLATE ESTER'
4 non-polymer 1,2-ETHANEDIOL
5 non-polymer 'PANTOTHENOIC ACID'
6 water water
#
_entity_poly.entity_id   1
_entity_poly.type   'polypeptide(L)'
_entity_poly.pdbx_seq_one_letter_code
;MGSSHHHHHHSSGLVPRGSPWFGMDIGGTLVKLSYFEPIDITAEEEQEEVESLKSIRKYLTSNVAYGSTGIRDVHLELKD
LTLFGRRGNLHFIRFPTQDLPTFIQMGRDKNFSTLQTVLCATGGGAYKFEKDFRTIGNLHLHKLDELDCLVKGLLYIDSV
SFNGQAECYYFANASEPERCQKMPFNLDDPYPLLVVNIGSGVSILAVHSKDNYKRVTGTSLGGGTFLGLCSLLTGCESFE
EALEMASKGDSTQADKLVRDIYGGDYERFGLPGWAVASSFGNMIYKEKRESVSKEDLARATLVTITNNIGSVARMCAVNE
KINRVVFVGNFLRVNTLSMKLLAYALDYWSKGQLKALFLEHEGYFGAVGALLGLPNFSDD
;
_entity_poly.pdbx_strand_id   A
#
# COMPACT_ATOMS: atom_id res chain seq x y z
N VAL A 15 25.66 11.01 7.33
CA VAL A 15 24.48 10.55 8.05
C VAL A 15 24.80 10.35 9.54
N PRO A 16 23.96 10.91 10.43
CA PRO A 16 24.14 10.87 11.88
C PRO A 16 24.52 9.49 12.45
N GLY A 18 25.08 7.64 15.65
CA GLY A 18 24.56 8.02 16.95
C GLY A 18 23.05 8.03 17.03
N SER A 19 22.41 7.90 15.86
CA SER A 19 20.97 7.90 15.74
C SER A 19 20.53 6.65 15.00
N PRO A 20 19.44 5.99 15.43
CA PRO A 20 18.86 4.95 14.58
C PRO A 20 18.35 5.57 13.30
N TRP A 21 18.48 4.82 12.21
CA TRP A 21 18.06 5.30 10.90
C TRP A 21 16.66 4.77 10.63
N PHE A 22 15.67 5.66 10.72
CA PHE A 22 14.27 5.37 10.42
C PHE A 22 13.77 6.23 9.27
N GLY A 23 12.78 5.73 8.56
CA GLY A 23 11.92 6.57 7.74
C GLY A 23 10.49 6.23 8.11
N MET A 24 9.65 7.26 8.22
CA MET A 24 8.27 7.02 8.67
C MET A 24 7.28 7.71 7.74
N ASP A 25 6.23 6.99 7.38
CA ASP A 25 5.10 7.52 6.60
C ASP A 25 3.87 7.42 7.48
N ILE A 26 3.38 8.55 7.98
CA ILE A 26 2.23 8.57 8.88
C ILE A 26 1.00 8.87 8.02
N GLY A 27 0.26 7.82 7.67
CA GLY A 27 -0.90 7.96 6.81
C GLY A 27 -2.17 8.24 7.59
N GLY A 28 -3.27 8.34 6.84
CA GLY A 28 -4.57 8.54 7.47
C GLY A 28 -5.02 7.37 8.31
N THR A 29 -4.52 6.16 8.01
CA THR A 29 -4.93 4.96 8.72
C THR A 29 -3.77 4.20 9.34
N LEU A 30 -2.68 4.03 8.60
CA LEU A 30 -1.54 3.24 9.06
C LEU A 30 -0.26 4.08 9.08
N VAL A 31 0.57 3.81 10.08
CA VAL A 31 1.96 4.29 10.12
C VAL A 31 2.84 3.17 9.57
N LYS A 32 3.72 3.54 8.66
CA LYS A 32 4.70 2.61 8.11
C LYS A 32 6.08 3.12 8.50
N LEU A 33 6.93 2.19 8.94
CA LEU A 33 8.24 2.54 9.44
C LEU A 33 9.25 1.63 8.75
N SER A 34 10.28 2.23 8.17
CA SER A 34 11.42 1.48 7.66
C SER A 34 12.58 1.73 8.61
N TYR A 35 13.29 0.66 8.95
CA TYR A 35 14.38 0.74 9.91
C TYR A 35 15.59 0.01 9.33
N PHE A 36 16.74 0.69 9.27
CA PHE A 36 17.95 0.09 8.75
C PHE A 36 18.80 -0.38 9.93
N GLU A 37 18.97 -1.70 10.02
CA GLU A 37 19.76 -2.32 11.08
C GLU A 37 21.17 -2.56 10.56
N PRO A 38 22.18 -1.86 11.08
CA PRO A 38 23.55 -2.11 10.61
C PRO A 38 24.00 -3.51 10.99
N ILE A 39 24.73 -4.17 10.08
CA ILE A 39 25.30 -5.47 10.38
C ILE A 39 26.82 -5.48 10.21
N ASP A 40 27.43 -4.32 10.06
CA ASP A 40 28.88 -4.20 9.94
C ASP A 40 29.47 -3.39 11.09
N ILE A 41 28.90 -3.55 12.28
CA ILE A 41 29.33 -2.79 13.44
C ILE A 41 30.65 -3.34 13.95
N THR A 42 31.64 -2.45 14.08
CA THR A 42 32.96 -2.86 14.54
C THR A 42 33.01 -2.97 16.06
N ALA A 43 34.11 -3.54 16.56
CA ALA A 43 34.28 -3.65 18.00
C ALA A 43 34.29 -2.27 18.65
N GLU A 44 34.96 -1.29 18.03
CA GLU A 44 35.00 0.05 18.59
C GLU A 44 33.64 0.73 18.52
N GLU A 45 32.86 0.46 17.48
CA GLU A 45 31.54 1.08 17.37
C GLU A 45 30.62 0.59 18.47
N GLU A 46 30.70 -0.70 18.83
CA GLU A 46 29.87 -1.20 19.93
C GLU A 46 30.22 -0.49 21.23
N GLN A 47 31.50 -0.17 21.44
CA GLN A 47 31.91 0.57 22.64
C GLN A 47 31.23 1.93 22.69
N GLU A 48 31.33 2.71 21.61
CA GLU A 48 30.77 4.07 21.59
C GLU A 48 29.25 4.08 21.59
N GLU A 49 28.61 2.93 21.34
CA GLU A 49 27.16 2.90 21.32
C GLU A 49 26.59 3.05 22.73
N VAL A 50 25.70 4.01 22.92
CA VAL A 50 25.08 4.20 24.22
C VAL A 50 23.99 3.15 24.41
N GLU A 51 23.63 2.93 25.68
CA GLU A 51 22.71 1.85 26.02
C GLU A 51 21.37 2.00 25.31
N SER A 52 20.88 3.23 25.18
CA SER A 52 19.58 3.46 24.55
C SER A 52 19.56 2.99 23.09
N LEU A 53 20.66 3.24 22.37
CA LEU A 53 20.75 2.80 20.98
C LEU A 53 20.75 1.28 20.89
N LYS A 54 21.54 0.64 21.77
CA LYS A 54 21.53 -0.83 21.84
C LYS A 54 20.14 -1.34 22.22
N SER A 55 19.49 -0.67 23.17
CA SER A 55 18.14 -1.08 23.59
C SER A 55 17.14 -1.01 22.44
N ILE A 56 17.22 0.05 21.63
CA ILE A 56 16.33 0.17 20.47
C ILE A 56 16.58 -0.95 19.48
N ARG A 57 17.86 -1.19 19.16
CA ARG A 57 18.17 -2.20 18.16
C ARG A 57 17.70 -3.58 18.60
N LYS A 58 17.92 -3.94 19.86
CA LYS A 58 17.53 -5.24 20.36
C LYS A 58 16.00 -5.40 20.38
N TYR A 59 15.29 -4.34 20.81
CA TYR A 59 13.84 -4.42 20.87
C TYR A 59 13.24 -4.63 19.48
N LEU A 60 13.77 -3.90 18.48
CA LEU A 60 13.19 -3.99 17.14
C LEU A 60 13.51 -5.32 16.47
N THR A 61 14.73 -5.83 16.66
CA THR A 61 15.16 -7.04 15.96
C THR A 61 14.82 -8.34 16.69
N SER A 62 14.48 -8.29 17.98
CA SER A 62 14.16 -9.50 18.73
C SER A 62 12.66 -9.71 18.88
N ASN A 63 11.84 -8.79 18.37
CA ASN A 63 10.40 -8.90 18.43
C ASN A 63 9.82 -8.73 17.04
N VAL A 64 8.75 -9.48 16.75
CA VAL A 64 7.99 -9.30 15.51
C VAL A 64 6.63 -8.69 15.76
N ALA A 65 6.18 -8.64 17.01
CA ALA A 65 5.01 -7.88 17.40
C ALA A 65 5.45 -6.86 18.42
N TYR A 66 4.97 -5.63 18.28
CA TYR A 66 5.34 -4.55 19.18
C TYR A 66 4.08 -4.09 19.89
N GLY A 67 4.06 -4.21 21.21
CA GLY A 67 2.82 -3.97 21.93
C GLY A 67 1.69 -4.83 21.39
N SER A 68 0.50 -4.24 21.34
CA SER A 68 -0.68 -4.97 20.88
C SER A 68 -1.02 -4.75 19.42
N THR A 69 -0.46 -3.74 18.75
CA THR A 69 -0.86 -3.46 17.39
C THR A 69 0.28 -3.25 16.40
N GLY A 70 1.53 -3.28 16.83
CA GLY A 70 2.66 -3.15 15.91
C GLY A 70 3.09 -4.50 15.36
N ILE A 71 3.44 -4.52 14.07
CA ILE A 71 3.83 -5.75 13.39
C ILE A 71 5.05 -5.49 12.53
N ARG A 72 6.08 -6.34 12.66
CA ARG A 72 7.18 -6.34 11.71
C ARG A 72 6.88 -7.36 10.61
N ASP A 73 6.89 -6.90 9.36
CA ASP A 73 6.63 -7.77 8.22
C ASP A 73 7.96 -8.44 7.84
N VAL A 74 8.25 -9.55 8.51
CA VAL A 74 9.58 -10.16 8.41
C VAL A 74 9.87 -10.64 7.00
N HIS A 75 8.84 -11.09 6.29
CA HIS A 75 9.04 -11.65 4.96
C HIS A 75 9.50 -10.61 3.95
N LEU A 76 9.30 -9.31 4.25
CA LEU A 76 9.72 -8.24 3.36
C LEU A 76 11.15 -7.75 3.63
N GLU A 77 11.80 -8.24 4.67
CA GLU A 77 13.13 -7.73 5.04
C GLU A 77 14.12 -7.83 3.88
N LEU A 78 14.82 -6.73 3.59
CA LEU A 78 15.92 -6.75 2.64
C LEU A 78 17.21 -7.01 3.41
N LYS A 79 17.91 -8.09 3.06
CA LYS A 79 19.07 -8.49 3.82
C LYS A 79 20.35 -8.08 3.11
N ASP A 80 21.33 -7.62 3.88
CA ASP A 80 22.65 -7.25 3.36
C ASP A 80 22.54 -6.17 2.28
N LEU A 81 21.69 -5.18 2.55
CA LEU A 81 21.60 -3.98 1.73
C LEU A 81 22.73 -3.02 2.07
N THR A 82 23.30 -2.38 1.06
CA THR A 82 24.28 -1.33 1.28
C THR A 82 23.57 0.02 1.15
N LEU A 83 23.57 0.78 2.23
CA LEU A 83 22.84 2.04 2.30
C LEU A 83 23.68 3.03 3.08
N PHE A 84 23.89 4.21 2.48
CA PHE A 84 24.71 5.26 3.09
C PHE A 84 26.12 4.76 3.40
N GLY A 85 26.65 3.87 2.56
CA GLY A 85 27.98 3.35 2.75
C GLY A 85 28.12 2.27 3.80
N ARG A 86 27.02 1.81 4.40
CA ARG A 86 27.05 0.77 5.40
C ARG A 86 26.21 -0.41 4.92
N ARG A 87 26.58 -1.61 5.36
CA ARG A 87 25.79 -2.81 5.09
C ARG A 87 24.84 -3.09 6.25
N GLY A 88 23.63 -3.50 5.92
CA GLY A 88 22.66 -3.78 6.95
C GLY A 88 21.43 -4.42 6.39
N ASN A 89 20.44 -4.61 7.27
CA ASN A 89 19.16 -5.18 6.88
C ASN A 89 18.11 -4.09 6.98
N LEU A 90 17.24 -4.00 5.99
CA LEU A 90 16.15 -3.03 5.99
C LEU A 90 14.88 -3.74 6.46
N HIS A 91 14.29 -3.24 7.54
CA HIS A 91 13.11 -3.81 8.18
C HIS A 91 11.87 -2.96 7.90
N PHE A 92 10.70 -3.62 7.94
CA PHE A 92 9.44 -2.99 7.55
C PHE A 92 8.40 -3.24 8.63
N ILE A 93 7.87 -2.17 9.21
CA ILE A 93 7.06 -2.22 10.43
C ILE A 93 5.84 -1.35 10.21
N ARG A 94 4.66 -1.80 10.68
CA ARG A 94 3.44 -1.02 10.55
C ARG A 94 2.63 -1.06 11.85
N PHE A 95 1.88 0.01 12.09
CA PHE A 95 0.95 0.05 13.21
C PHE A 95 -0.10 1.11 12.90
N PRO A 96 -1.25 1.08 13.58
CA PRO A 96 -2.32 2.03 13.24
C PRO A 96 -1.97 3.43 13.70
N THR A 97 -2.36 4.42 12.88
CA THR A 97 -2.08 5.81 13.23
C THR A 97 -2.74 6.19 14.56
N GLN A 98 -3.90 5.58 14.84
CA GLN A 98 -4.58 5.74 16.13
C GLN A 98 -3.67 5.46 17.32
N ASP A 99 -2.65 4.61 17.13
CA ASP A 99 -1.74 4.27 18.22
C ASP A 99 -0.44 5.06 18.18
N LEU A 100 -0.33 6.07 17.33
CA LEU A 100 0.88 6.90 17.35
C LEU A 100 1.16 7.51 18.73
N PRO A 101 0.17 7.96 19.51
CA PRO A 101 0.47 8.40 20.89
C PRO A 101 1.27 7.39 21.70
N THR A 102 0.99 6.09 21.56
CA THR A 102 1.79 5.08 22.25
C THR A 102 3.23 5.07 21.74
N PHE A 103 3.43 5.13 20.42
CA PHE A 103 4.78 5.22 19.88
C PHE A 103 5.53 6.42 20.44
N ILE A 104 4.87 7.57 20.48
CA ILE A 104 5.57 8.78 20.93
C ILE A 104 5.83 8.71 22.43
N GLN A 105 4.90 8.13 23.18
CA GLN A 105 5.15 7.95 24.62
C GLN A 105 6.29 6.96 24.87
N MET A 106 6.37 5.91 24.05
CA MET A 106 7.54 5.02 24.11
C MET A 106 8.82 5.78 23.80
N GLY A 107 8.78 6.65 22.78
CA GLY A 107 9.97 7.40 22.40
C GLY A 107 10.47 8.33 23.48
N ARG A 108 9.58 8.89 24.29
CA ARG A 108 9.97 9.77 25.38
C ARG A 108 10.47 9.02 26.61
N ASP A 109 10.44 7.69 26.62
CA ASP A 109 10.91 6.93 27.76
C ASP A 109 12.37 7.25 28.06
N LYS A 110 12.71 7.24 29.35
CA LYS A 110 14.05 7.64 29.77
C LYS A 110 15.12 6.70 29.22
N ASN A 111 14.78 5.43 29.02
CA ASN A 111 15.70 4.47 28.41
C ASN A 111 16.01 4.78 26.94
N PHE A 112 15.53 5.89 26.37
CA PHE A 112 15.77 6.26 24.97
C PHE A 112 16.24 7.71 24.87
N SER A 113 17.08 8.14 25.80
CA SER A 113 17.60 9.50 25.79
C SER A 113 19.13 9.50 25.87
N THR A 117 18.07 11.77 17.69
CA THR A 117 17.45 11.11 16.54
C THR A 117 17.04 12.14 15.51
N VAL A 118 17.31 11.84 14.24
CA VAL A 118 16.83 12.65 13.13
C VAL A 118 15.77 11.83 12.42
N LEU A 119 14.53 12.28 12.47
CA LEU A 119 13.40 11.52 11.95
C LEU A 119 12.90 12.17 10.67
N CYS A 120 13.08 11.49 9.56
CA CYS A 120 12.49 11.90 8.29
C CYS A 120 11.11 11.28 8.21
N ALA A 121 10.09 12.13 8.09
CA ALA A 121 8.70 11.69 8.19
C ALA A 121 7.93 12.24 7.00
N THR A 122 7.00 11.43 6.49
CA THR A 122 6.16 11.86 5.38
C THR A 122 4.73 11.43 5.68
N GLY A 123 3.86 11.58 4.69
CA GLY A 123 2.44 11.39 4.89
C GLY A 123 1.83 12.57 5.62
N GLY A 124 0.49 12.60 5.62
CA GLY A 124 -0.19 13.74 6.24
C GLY A 124 0.13 13.89 7.71
N GLY A 125 0.40 12.78 8.39
CA GLY A 125 0.67 12.85 9.81
C GLY A 125 2.00 13.50 10.16
N ALA A 126 2.92 13.60 9.20
CA ALA A 126 4.13 14.35 9.47
C ALA A 126 3.80 15.79 9.82
N TYR A 127 2.74 16.33 9.20
CA TYR A 127 2.26 17.66 9.50
C TYR A 127 1.31 17.66 10.70
N LYS A 128 0.35 16.73 10.71
CA LYS A 128 -0.67 16.73 11.75
C LYS A 128 -0.05 16.53 13.13
N PHE A 129 0.96 15.67 13.23
CA PHE A 129 1.55 15.30 14.52
C PHE A 129 2.92 15.93 14.73
N GLU A 130 3.26 16.97 13.95
CA GLU A 130 4.57 17.61 14.08
C GLU A 130 4.85 18.06 15.51
N LYS A 131 3.88 18.73 16.15
CA LYS A 131 4.11 19.21 17.50
C LYS A 131 4.26 18.06 18.48
N ASP A 132 3.63 16.92 18.20
CA ASP A 132 3.73 15.77 19.09
C ASP A 132 5.10 15.12 19.02
N PHE A 133 5.66 14.98 17.82
CA PHE A 133 7.03 14.47 17.69
C PHE A 133 8.03 15.37 18.40
N ARG A 134 7.77 16.67 18.44
CA ARG A 134 8.71 17.57 19.11
C ARG A 134 8.64 17.49 20.62
N THR A 135 7.70 16.72 21.19
CA THR A 135 7.74 16.45 22.63
C THR A 135 8.88 15.50 22.99
N ILE A 136 9.43 14.79 22.01
CA ILE A 136 10.59 13.94 22.23
C ILE A 136 11.82 14.85 22.22
N GLY A 137 12.45 15.00 23.38
CA GLY A 137 13.53 15.94 23.57
C GLY A 137 14.60 15.91 22.48
N ASN A 138 14.88 17.08 21.92
CA ASN A 138 15.92 17.29 20.93
C ASN A 138 15.73 16.51 19.64
N LEU A 139 14.67 15.72 19.49
CA LEU A 139 14.44 15.01 18.24
C LEU A 139 14.29 16.02 17.12
N HIS A 140 14.93 15.75 15.99
CA HIS A 140 14.88 16.63 14.82
C HIS A 140 13.95 16.00 13.79
N LEU A 141 12.80 16.64 13.56
CA LEU A 141 11.81 16.14 12.61
C LEU A 141 11.96 16.86 11.28
N HIS A 142 12.06 16.10 10.19
CA HIS A 142 12.12 16.68 8.85
C HIS A 142 10.93 16.17 8.05
N LYS A 143 10.04 17.07 7.68
CA LYS A 143 8.83 16.70 6.95
C LYS A 143 9.14 16.64 5.47
N LEU A 144 8.79 15.51 4.83
CA LEU A 144 9.04 15.31 3.42
C LEU A 144 7.73 15.00 2.71
N ASP A 145 7.65 15.33 1.42
CA ASP A 145 6.36 15.27 0.74
C ASP A 145 5.90 13.83 0.48
N GLU A 146 4.60 13.59 0.70
CA GLU A 146 4.06 12.23 0.69
C GLU A 146 4.24 11.54 -0.65
N LEU A 147 3.96 12.26 -1.75
CA LEU A 147 4.02 11.63 -3.06
C LEU A 147 5.44 11.59 -3.61
N ASP A 148 6.28 12.57 -3.26
CA ASP A 148 7.69 12.48 -3.63
C ASP A 148 8.38 11.28 -2.96
N CYS A 149 8.08 11.03 -1.69
CA CYS A 149 8.69 9.88 -1.02
C CYS A 149 8.22 8.58 -1.64
N LEU A 150 6.94 8.52 -2.04
CA LEU A 150 6.41 7.34 -2.70
C LEU A 150 7.18 7.03 -3.97
N VAL A 151 7.40 8.05 -4.81
CA VAL A 151 8.10 7.82 -6.08
C VAL A 151 9.53 7.38 -5.81
N LYS A 152 10.24 8.10 -4.94
CA LYS A 152 11.65 7.80 -4.67
C LYS A 152 11.82 6.42 -4.05
N GLY A 153 10.91 6.04 -3.16
CA GLY A 153 11.01 4.74 -2.51
C GLY A 153 10.69 3.61 -3.46
N LEU A 154 9.67 3.79 -4.30
CA LEU A 154 9.32 2.79 -5.30
C LEU A 154 10.48 2.55 -6.27
N LEU A 155 11.06 3.62 -6.80
CA LEU A 155 12.17 3.45 -7.73
C LEU A 155 13.38 2.83 -7.04
N TYR A 156 13.62 3.16 -5.76
CA TYR A 156 14.77 2.62 -5.06
C TYR A 156 14.62 1.12 -4.82
N ILE A 157 13.46 0.70 -4.28
CA ILE A 157 13.31 -0.71 -3.94
C ILE A 157 13.37 -1.57 -5.19
N ASP A 158 12.77 -1.11 -6.30
CA ASP A 158 12.88 -1.89 -7.52
C ASP A 158 14.33 -1.95 -8.00
N SER A 159 15.11 -0.91 -7.75
CA SER A 159 16.47 -0.89 -8.25
C SER A 159 17.40 -1.81 -7.46
N VAL A 160 17.15 -1.99 -6.15
CA VAL A 160 17.99 -2.88 -5.34
C VAL A 160 17.53 -4.33 -5.37
N SER A 161 16.35 -4.60 -5.92
CA SER A 161 15.72 -5.92 -6.02
C SER A 161 15.24 -6.42 -4.66
N PHE A 162 14.40 -7.45 -4.68
CA PHE A 162 13.86 -8.06 -3.47
C PHE A 162 14.75 -9.27 -3.17
N ASN A 163 15.90 -9.01 -2.55
CA ASN A 163 16.91 -10.04 -2.27
C ASN A 163 17.21 -10.87 -3.52
N GLY A 164 17.40 -10.19 -4.66
CA GLY A 164 17.74 -10.84 -5.91
C GLY A 164 16.56 -11.19 -6.79
N GLN A 165 15.35 -11.23 -6.24
CA GLN A 165 14.14 -11.45 -7.01
C GLN A 165 13.54 -10.12 -7.45
N ALA A 166 12.64 -10.21 -8.44
CA ALA A 166 11.97 -9.01 -8.92
C ALA A 166 11.05 -8.42 -7.84
N GLU A 167 11.13 -7.11 -7.67
CA GLU A 167 10.18 -6.41 -6.80
C GLU A 167 8.82 -6.30 -7.45
N CYS A 168 8.77 -6.23 -8.77
CA CYS A 168 7.54 -5.97 -9.51
C CYS A 168 7.01 -7.26 -10.12
N TYR A 169 5.68 -7.43 -10.12
CA TYR A 169 5.06 -8.59 -10.73
C TYR A 169 3.77 -8.19 -11.42
N TYR A 170 3.32 -9.05 -12.32
CA TYR A 170 2.03 -8.91 -12.98
C TYR A 170 1.34 -10.25 -12.99
N PHE A 171 0.08 -10.28 -13.40
CA PHE A 171 -0.66 -11.53 -13.56
C PHE A 171 -0.72 -11.88 -15.04
N ALA A 172 0.01 -12.93 -15.42
CA ALA A 172 0.00 -13.41 -16.79
C ALA A 172 -1.37 -14.01 -17.12
N ASN A 173 -1.81 -13.79 -18.35
CA ASN A 173 -3.09 -14.34 -18.84
C ASN A 173 -4.22 -14.04 -17.85
N ALA A 174 -4.30 -12.77 -17.46
CA ALA A 174 -5.19 -12.36 -16.38
C ALA A 174 -6.67 -12.57 -16.71
N SER A 175 -7.01 -12.84 -17.97
CA SER A 175 -8.40 -13.02 -18.36
C SER A 175 -8.84 -14.48 -18.37
N GLU A 176 -7.95 -15.41 -18.01
CA GLU A 176 -8.25 -16.84 -18.00
C GLU A 176 -7.85 -17.43 -16.65
N PRO A 177 -8.80 -17.82 -15.80
CA PRO A 177 -8.43 -18.32 -14.47
C PRO A 177 -7.61 -19.61 -14.48
N GLU A 178 -7.78 -20.47 -15.49
CA GLU A 178 -6.99 -21.69 -15.55
C GLU A 178 -5.51 -21.40 -15.80
N ARG A 179 -5.19 -20.24 -16.35
CA ARG A 179 -3.82 -19.87 -16.64
C ARG A 179 -3.30 -18.71 -15.81
N CYS A 180 -4.18 -17.94 -15.17
CA CYS A 180 -3.77 -16.71 -14.50
C CYS A 180 -2.76 -17.00 -13.40
N GLN A 181 -1.61 -16.33 -13.44
CA GLN A 181 -0.59 -16.62 -12.44
C GLN A 181 0.36 -15.44 -12.29
N LYS A 182 0.78 -15.22 -11.06
CA LYS A 182 1.76 -14.19 -10.74
C LYS A 182 3.08 -14.46 -11.45
N MET A 183 3.62 -13.45 -12.13
CA MET A 183 4.92 -13.56 -12.81
C MET A 183 5.76 -12.31 -12.58
N PRO A 184 7.08 -12.44 -12.41
CA PRO A 184 7.93 -11.26 -12.25
C PRO A 184 7.89 -10.37 -13.48
N PHE A 185 8.07 -9.08 -13.27
CA PHE A 185 8.04 -8.08 -14.34
C PHE A 185 9.22 -7.13 -14.18
N ASN A 186 9.94 -6.89 -15.27
CA ASN A 186 11.16 -6.08 -15.21
C ASN A 186 10.83 -4.61 -15.42
N LEU A 187 11.17 -3.77 -14.43
CA LEU A 187 11.01 -2.32 -14.51
C LEU A 187 12.35 -1.59 -14.65
N ASP A 188 13.32 -2.19 -15.34
CA ASP A 188 14.65 -1.59 -15.39
C ASP A 188 14.68 -0.28 -16.15
N ASP A 189 13.70 -0.02 -17.02
CA ASP A 189 13.49 1.29 -17.62
C ASP A 189 12.05 1.66 -17.34
N PRO A 190 11.79 2.20 -16.14
CA PRO A 190 10.41 2.25 -15.64
C PRO A 190 9.57 3.40 -16.18
N TYR A 191 10.15 4.31 -16.97
CA TYR A 191 9.40 5.48 -17.42
C TYR A 191 8.88 5.31 -18.83
N PRO A 192 7.67 5.83 -19.11
CA PRO A 192 6.81 6.48 -18.11
C PRO A 192 5.99 5.44 -17.34
N LEU A 193 5.33 5.88 -16.28
CA LEU A 193 4.69 4.94 -15.39
C LEU A 193 3.51 5.65 -14.72
N LEU A 194 2.36 4.99 -14.64
CA LEU A 194 1.25 5.48 -13.83
C LEU A 194 1.26 4.76 -12.50
N VAL A 195 1.30 5.51 -11.40
CA VAL A 195 1.34 4.94 -10.05
C VAL A 195 -0.01 5.22 -9.40
N VAL A 196 -0.70 4.15 -9.01
CA VAL A 196 -2.01 4.28 -8.34
C VAL A 196 -1.83 3.84 -6.90
N ASN A 197 -1.89 4.79 -5.97
CA ASN A 197 -1.60 4.54 -4.56
C ASN A 197 -2.92 4.43 -3.81
N ILE A 198 -3.30 3.21 -3.45
CA ILE A 198 -4.60 2.94 -2.84
C ILE A 198 -4.36 2.83 -1.34
N GLY A 199 -4.57 3.95 -0.64
CA GLY A 199 -4.50 3.97 0.82
C GLY A 199 -5.89 4.23 1.36
N SER A 200 -6.03 5.11 2.36
CA SER A 200 -7.38 5.53 2.78
C SER A 200 -8.17 6.08 1.60
N GLY A 201 -7.55 6.98 0.85
CA GLY A 201 -8.06 7.47 -0.42
C GLY A 201 -7.04 7.09 -1.48
N VAL A 202 -7.21 7.56 -2.71
CA VAL A 202 -6.38 7.12 -3.84
C VAL A 202 -5.75 8.33 -4.51
N SER A 203 -4.42 8.31 -4.65
CA SER A 203 -3.71 9.29 -5.47
C SER A 203 -3.19 8.59 -6.73
N ILE A 204 -3.26 9.28 -7.86
CA ILE A 204 -2.77 8.74 -9.13
C ILE A 204 -1.70 9.67 -9.69
N LEU A 205 -0.53 9.11 -9.97
CA LEU A 205 0.63 9.86 -10.42
C LEU A 205 1.04 9.38 -11.81
N ALA A 206 1.41 10.32 -12.65
CA ALA A 206 2.08 10.02 -13.92
C ALA A 206 3.56 10.35 -13.75
N VAL A 207 4.40 9.32 -13.79
CA VAL A 207 5.83 9.48 -13.55
C VAL A 207 6.56 9.43 -14.89
N HIS A 208 7.18 10.55 -15.27
CA HIS A 208 7.91 10.64 -16.54
C HIS A 208 9.41 10.48 -16.39
N SER A 209 9.95 10.83 -15.22
CA SER A 209 11.34 10.54 -14.87
C SER A 209 11.43 10.53 -13.35
N LYS A 210 12.63 10.28 -12.83
CA LYS A 210 12.83 10.25 -11.38
C LYS A 210 12.46 11.58 -10.74
N ASP A 211 12.64 12.69 -11.46
CA ASP A 211 12.35 14.01 -10.92
C ASP A 211 11.15 14.70 -11.57
N ASN A 212 10.44 14.03 -12.48
CA ASN A 212 9.37 14.67 -13.24
C ASN A 212 8.11 13.80 -13.15
N TYR A 213 7.18 14.19 -12.29
CA TYR A 213 5.92 13.47 -12.16
C TYR A 213 4.86 14.48 -11.75
N LYS A 214 3.60 14.11 -11.98
CA LYS A 214 2.47 14.95 -11.59
C LYS A 214 1.37 14.08 -11.01
N ARG A 215 0.60 14.65 -10.09
CA ARG A 215 -0.60 13.99 -9.59
C ARG A 215 -1.72 14.22 -10.59
N VAL A 216 -2.09 13.17 -11.33
CA VAL A 216 -3.06 13.32 -12.40
C VAL A 216 -4.44 13.59 -11.83
N THR A 217 -4.82 12.85 -10.81
CA THR A 217 -6.09 13.01 -10.12
C THR A 217 -6.06 12.10 -8.90
N GLY A 218 -7.21 11.90 -8.29
CA GLY A 218 -7.32 10.87 -7.27
C GLY A 218 -8.78 10.51 -7.16
N THR A 219 -9.08 9.64 -6.21
CA THR A 219 -10.48 9.37 -5.87
C THR A 219 -10.57 9.16 -4.38
N SER A 220 -11.62 9.70 -3.77
CA SER A 220 -11.84 9.44 -2.34
C SER A 220 -12.47 8.07 -2.09
N LEU A 221 -12.80 7.30 -3.13
CA LEU A 221 -13.34 5.96 -2.95
C LEU A 221 -12.16 4.98 -2.92
N GLY A 222 -11.56 4.85 -1.74
CA GLY A 222 -10.35 4.06 -1.58
C GLY A 222 -10.47 2.95 -0.57
N GLY A 223 -9.33 2.56 0.03
CA GLY A 223 -9.35 1.47 0.99
C GLY A 223 -10.17 1.79 2.21
N GLY A 224 -10.27 3.07 2.58
CA GLY A 224 -11.08 3.44 3.73
C GLY A 224 -12.55 3.37 3.42
N THR A 225 -12.93 3.55 2.15
CA THR A 225 -14.31 3.35 1.76
C THR A 225 -14.68 1.88 1.82
N PHE A 226 -13.81 1.01 1.31
CA PHE A 226 -14.05 -0.42 1.48
C PHE A 226 -14.20 -0.78 2.96
N LEU A 227 -13.24 -0.38 3.80
CA LEU A 227 -13.25 -0.83 5.18
C LEU A 227 -14.39 -0.17 5.96
N GLY A 228 -14.66 1.11 5.70
CA GLY A 228 -15.74 1.78 6.41
C GLY A 228 -17.10 1.22 6.02
N LEU A 229 -17.34 1.07 4.72
CA LEU A 229 -18.64 0.53 4.30
C LEU A 229 -18.80 -0.91 4.74
N CYS A 230 -17.74 -1.70 4.61
CA CYS A 230 -17.82 -3.07 5.06
C CYS A 230 -18.15 -3.16 6.53
N SER A 231 -17.53 -2.32 7.36
CA SER A 231 -17.81 -2.33 8.80
C SER A 231 -19.26 -1.98 9.08
N LEU A 232 -19.78 -0.97 8.40
CA LEU A 232 -21.18 -0.59 8.57
C LEU A 232 -22.13 -1.71 8.14
N LEU A 233 -21.83 -2.36 7.01
CA LEU A 233 -22.75 -3.32 6.40
C LEU A 233 -22.68 -4.70 7.02
N THR A 234 -21.51 -5.12 7.50
CA THR A 234 -21.31 -6.50 7.93
C THR A 234 -20.91 -6.64 9.39
N GLY A 235 -20.53 -5.54 10.05
CA GLY A 235 -20.07 -5.66 11.42
C GLY A 235 -18.67 -6.19 11.57
N CYS A 236 -17.93 -6.35 10.48
CA CYS A 236 -16.55 -6.82 10.59
C CYS A 236 -15.73 -5.86 11.45
N GLU A 237 -14.74 -6.42 12.15
CA GLU A 237 -13.93 -5.65 13.08
C GLU A 237 -12.49 -5.48 12.62
N SER A 238 -12.12 -5.98 11.44
CA SER A 238 -10.77 -5.80 10.95
C SER A 238 -10.76 -5.94 9.44
N PHE A 239 -9.74 -5.34 8.83
CA PHE A 239 -9.51 -5.50 7.40
C PHE A 239 -9.42 -6.96 7.02
N GLU A 240 -8.67 -7.74 7.79
CA GLU A 240 -8.52 -9.15 7.47
C GLU A 240 -9.86 -9.87 7.55
N GLU A 241 -10.70 -9.51 8.52
CA GLU A 241 -12.00 -10.15 8.62
C GLU A 241 -12.89 -9.77 7.44
N ALA A 242 -12.78 -8.51 6.99
CA ALA A 242 -13.53 -8.07 5.82
C ALA A 242 -13.15 -8.86 4.58
N LEU A 243 -11.86 -9.11 4.38
CA LEU A 243 -11.42 -9.90 3.23
C LEU A 243 -11.85 -11.36 3.35
N GLU A 244 -11.80 -11.91 4.56
CA GLU A 244 -12.26 -13.27 4.78
C GLU A 244 -13.74 -13.40 4.44
N MET A 245 -14.55 -12.44 4.87
CA MET A 245 -15.96 -12.44 4.49
C MET A 245 -16.14 -12.35 2.99
N ALA A 246 -15.40 -11.43 2.35
CA ALA A 246 -15.57 -11.23 0.91
C ALA A 246 -15.18 -12.46 0.12
N SER A 247 -14.20 -13.24 0.61
CA SER A 247 -13.80 -14.45 -0.10
C SER A 247 -14.91 -15.49 -0.13
N LYS A 248 -15.89 -15.39 0.75
CA LYS A 248 -16.95 -16.37 0.86
C LYS A 248 -18.25 -15.93 0.19
N GLY A 249 -18.31 -14.69 -0.29
CA GLY A 249 -19.54 -14.09 -0.73
C GLY A 249 -19.77 -14.21 -2.23
N ASP A 250 -20.95 -13.74 -2.65
CA ASP A 250 -21.35 -13.69 -4.06
C ASP A 250 -21.86 -12.27 -4.30
N SER A 251 -21.04 -11.45 -4.95
CA SER A 251 -21.40 -10.05 -5.15
C SER A 251 -22.64 -9.88 -6.01
N THR A 252 -22.95 -10.87 -6.83
CA THR A 252 -24.12 -10.75 -7.71
C THR A 252 -25.43 -10.80 -6.94
N GLN A 253 -25.41 -11.19 -5.66
CA GLN A 253 -26.60 -11.11 -4.84
C GLN A 253 -26.95 -9.67 -4.48
N ALA A 254 -25.97 -8.77 -4.51
CA ALA A 254 -26.20 -7.35 -4.24
C ALA A 254 -26.22 -6.50 -5.50
N ASP A 255 -25.37 -6.80 -6.47
CA ASP A 255 -25.27 -5.98 -7.67
C ASP A 255 -26.37 -6.33 -8.67
N LYS A 256 -26.82 -5.31 -9.40
CA LYS A 256 -27.70 -5.53 -10.55
C LYS A 256 -26.84 -5.65 -11.81
N LEU A 257 -26.96 -6.76 -12.53
CA LEU A 257 -26.08 -7.04 -13.66
C LEU A 257 -26.74 -6.58 -14.96
N VAL A 258 -25.93 -6.49 -16.02
CA VAL A 258 -26.49 -6.15 -17.34
C VAL A 258 -27.60 -7.12 -17.72
N ARG A 259 -27.42 -8.42 -17.44
CA ARG A 259 -28.46 -9.37 -17.80
C ARG A 259 -29.73 -9.18 -16.97
N ASP A 260 -29.64 -8.55 -15.78
CA ASP A 260 -30.86 -8.25 -15.02
C ASP A 260 -31.68 -7.14 -15.66
N ILE A 261 -31.06 -6.33 -16.53
CA ILE A 261 -31.73 -5.23 -17.20
C ILE A 261 -32.14 -5.60 -18.63
N TYR A 262 -31.26 -6.30 -19.35
CA TYR A 262 -31.43 -6.64 -20.76
C TYR A 262 -31.93 -8.07 -20.98
N GLY A 263 -31.83 -8.94 -19.96
CA GLY A 263 -32.05 -10.37 -20.18
C GLY A 263 -30.90 -11.07 -20.88
N GLY A 264 -29.76 -10.39 -21.03
CA GLY A 264 -28.65 -10.90 -21.81
C GLY A 264 -27.60 -9.81 -21.92
N ASP A 265 -26.78 -9.91 -22.97
CA ASP A 265 -25.81 -8.85 -23.25
C ASP A 265 -26.52 -7.56 -23.71
N TYR A 266 -25.85 -6.43 -23.51
CA TYR A 266 -26.15 -5.21 -24.29
C TYR A 266 -25.17 -5.25 -25.46
N GLU A 267 -25.62 -5.83 -26.57
CA GLU A 267 -24.69 -6.22 -27.63
C GLU A 267 -24.13 -5.02 -28.39
N ARG A 268 -24.97 -4.02 -28.68
CA ARG A 268 -24.53 -2.89 -29.50
C ARG A 268 -23.27 -2.23 -28.92
N PHE A 269 -23.17 -2.14 -27.59
CA PHE A 269 -22.03 -1.49 -26.97
C PHE A 269 -21.13 -2.46 -26.23
N GLY A 270 -21.24 -3.75 -26.53
CA GLY A 270 -20.28 -4.73 -26.02
C GLY A 270 -20.23 -4.86 -24.52
N LEU A 271 -21.37 -4.75 -23.85
CA LEU A 271 -21.42 -5.01 -22.42
C LEU A 271 -21.95 -6.41 -22.20
N PRO A 272 -21.16 -7.34 -21.68
CA PRO A 272 -21.65 -8.72 -21.51
C PRO A 272 -22.67 -8.78 -20.38
N GLY A 273 -23.52 -9.80 -20.46
CA GLY A 273 -24.60 -9.93 -19.48
C GLY A 273 -24.11 -10.05 -18.04
N TRP A 274 -22.92 -10.64 -17.84
CA TRP A 274 -22.39 -10.82 -16.49
C TRP A 274 -21.75 -9.56 -15.91
N ALA A 275 -21.56 -8.52 -16.70
CA ALA A 275 -20.97 -7.29 -16.18
C ALA A 275 -21.95 -6.60 -15.22
N VAL A 276 -21.41 -5.89 -14.23
CA VAL A 276 -22.26 -5.15 -13.30
C VAL A 276 -22.80 -3.92 -13.99
N ALA A 277 -24.12 -3.75 -13.96
CA ALA A 277 -24.71 -2.52 -14.47
C ALA A 277 -24.86 -1.47 -13.38
N SER A 278 -25.23 -1.89 -12.17
CA SER A 278 -25.48 -1.00 -11.04
C SER A 278 -24.98 -1.69 -9.78
N SER A 279 -23.88 -1.19 -9.23
CA SER A 279 -23.34 -1.75 -8.01
C SER A 279 -24.33 -1.56 -6.86
N PHE A 280 -24.56 -2.62 -6.08
CA PHE A 280 -25.56 -2.63 -5.03
C PHE A 280 -26.98 -2.37 -5.56
N GLY A 281 -27.17 -2.46 -6.87
CA GLY A 281 -28.43 -2.02 -7.45
C GLY A 281 -29.60 -2.94 -7.14
N ASN A 282 -29.32 -4.20 -6.78
CA ASN A 282 -30.41 -5.07 -6.38
C ASN A 282 -30.82 -4.87 -4.93
N MET A 283 -30.10 -4.03 -4.19
CA MET A 283 -30.48 -3.75 -2.82
C MET A 283 -31.58 -2.69 -2.72
N ILE A 284 -32.12 -2.20 -3.83
CA ILE A 284 -33.31 -1.35 -3.74
C ILE A 284 -34.57 -2.15 -3.45
N TYR A 285 -34.52 -3.48 -3.56
CA TYR A 285 -35.69 -4.32 -3.32
C TYR A 285 -35.62 -4.91 -1.92
N LYS A 286 -36.69 -4.69 -1.15
CA LYS A 286 -36.68 -5.11 0.26
C LYS A 286 -36.45 -6.60 0.42
N GLU A 287 -37.09 -7.41 -0.43
CA GLU A 287 -36.93 -8.86 -0.28
C GLU A 287 -35.49 -9.29 -0.56
N LYS A 288 -34.78 -8.58 -1.43
CA LYS A 288 -33.39 -8.94 -1.67
C LYS A 288 -32.49 -8.51 -0.52
N ARG A 289 -32.75 -7.33 0.05
CA ARG A 289 -32.01 -6.92 1.25
C ARG A 289 -32.17 -7.94 2.36
N GLU A 290 -33.35 -8.56 2.48
CA GLU A 290 -33.58 -9.52 3.55
C GLU A 290 -32.91 -10.86 3.30
N SER A 291 -32.48 -11.17 2.08
CA SER A 291 -31.87 -12.47 1.84
C SER A 291 -30.36 -12.41 1.66
N VAL A 292 -29.82 -11.23 1.37
CA VAL A 292 -28.38 -11.12 1.12
C VAL A 292 -27.61 -11.42 2.40
N SER A 293 -26.44 -12.03 2.26
CA SER A 293 -25.61 -12.37 3.40
C SER A 293 -24.57 -11.28 3.65
N LYS A 294 -24.04 -11.26 4.87
CA LYS A 294 -22.92 -10.35 5.17
C LYS A 294 -21.76 -10.60 4.24
N GLU A 295 -21.49 -11.88 3.93
CA GLU A 295 -20.38 -12.21 3.05
C GLU A 295 -20.62 -11.67 1.65
N ASP A 296 -21.85 -11.81 1.14
CA ASP A 296 -22.22 -11.18 -0.13
C ASP A 296 -21.96 -9.69 -0.12
N LEU A 297 -22.35 -9.02 0.97
CA LEU A 297 -22.17 -7.56 1.04
C LEU A 297 -20.70 -7.19 1.11
N ALA A 298 -19.89 -7.96 1.86
CA ALA A 298 -18.45 -7.70 1.88
C ALA A 298 -17.85 -7.82 0.50
N ARG A 299 -18.21 -8.87 -0.25
CA ARG A 299 -17.65 -9.06 -1.58
C ARG A 299 -18.14 -7.96 -2.53
N ALA A 300 -19.42 -7.60 -2.44
CA ALA A 300 -19.92 -6.52 -3.29
C ALA A 300 -19.18 -5.21 -3.00
N THR A 301 -18.87 -4.95 -1.73
CA THR A 301 -18.14 -3.73 -1.41
C THR A 301 -16.75 -3.77 -2.02
N LEU A 302 -16.06 -4.91 -1.88
CA LEU A 302 -14.71 -5.04 -2.43
C LEU A 302 -14.74 -4.87 -3.95
N VAL A 303 -15.65 -5.57 -4.63
CA VAL A 303 -15.72 -5.53 -6.09
C VAL A 303 -16.04 -4.12 -6.58
N THR A 304 -17.00 -3.46 -5.92
CA THR A 304 -17.39 -2.12 -6.32
C THR A 304 -16.24 -1.14 -6.22
N ILE A 305 -15.54 -1.13 -5.07
CA ILE A 305 -14.45 -0.19 -4.85
C ILE A 305 -13.30 -0.50 -5.80
N THR A 306 -12.95 -1.79 -5.92
CA THR A 306 -11.82 -2.18 -6.77
C THR A 306 -12.07 -1.86 -8.24
N ASN A 307 -13.24 -2.23 -8.76
CA ASN A 307 -13.49 -1.96 -10.17
C ASN A 307 -13.58 -0.47 -10.47
N ASN A 308 -14.09 0.33 -9.52
CA ASN A 308 -14.11 1.77 -9.74
C ASN A 308 -12.69 2.34 -9.84
N ILE A 309 -11.80 1.87 -8.98
CA ILE A 309 -10.39 2.29 -9.09
C ILE A 309 -9.79 1.82 -10.42
N GLY A 310 -10.10 0.59 -10.84
CA GLY A 310 -9.58 0.11 -12.11
C GLY A 310 -10.06 0.97 -13.27
N SER A 311 -11.32 1.40 -13.21
CA SER A 311 -11.84 2.23 -14.28
C SER A 311 -11.15 3.59 -14.30
N VAL A 312 -11.03 4.24 -13.14
CA VAL A 312 -10.34 5.53 -13.09
C VAL A 312 -8.90 5.40 -13.56
N ALA A 313 -8.22 4.34 -13.12
CA ALA A 313 -6.84 4.11 -13.56
C ALA A 313 -6.76 3.96 -15.07
N ARG A 314 -7.69 3.21 -15.66
CA ARG A 314 -7.69 3.05 -17.11
C ARG A 314 -7.87 4.38 -17.82
N MET A 315 -8.83 5.20 -17.37
CA MET A 315 -9.04 6.50 -18.01
C MET A 315 -7.80 7.37 -17.92
N CYS A 316 -7.14 7.37 -16.76
CA CYS A 316 -5.93 8.17 -16.60
C CYS A 316 -4.80 7.68 -17.49
N ALA A 317 -4.63 6.36 -17.60
CA ALA A 317 -3.59 5.82 -18.47
C ALA A 317 -3.85 6.20 -19.93
N VAL A 318 -5.10 6.11 -20.38
CA VAL A 318 -5.40 6.47 -21.76
C VAL A 318 -5.09 7.94 -22.01
N ASN A 319 -5.48 8.80 -21.08
CA ASN A 319 -5.26 10.24 -21.28
C ASN A 319 -3.78 10.61 -21.17
N GLU A 320 -3.03 9.94 -20.30
CA GLU A 320 -1.61 10.22 -20.19
C GLU A 320 -0.77 9.46 -21.22
N LYS A 321 -1.40 8.59 -22.02
CA LYS A 321 -0.71 7.77 -23.00
C LYS A 321 0.37 6.90 -22.36
N ILE A 322 -0.01 6.21 -21.29
CA ILE A 322 0.88 5.34 -20.52
C ILE A 322 0.26 3.95 -20.50
N ASN A 323 1.08 2.90 -20.70
CA ASN A 323 0.52 1.56 -20.76
C ASN A 323 0.87 0.69 -19.56
N ARG A 324 1.74 1.13 -18.66
CA ARG A 324 2.08 0.38 -17.45
C ARG A 324 1.48 1.10 -16.25
N VAL A 325 0.62 0.40 -15.51
CA VAL A 325 -0.04 0.99 -14.33
C VAL A 325 0.34 0.16 -13.12
N VAL A 326 1.09 0.77 -12.20
CA VAL A 326 1.53 0.11 -10.98
C VAL A 326 0.56 0.48 -9.86
N PHE A 327 0.04 -0.52 -9.17
CA PHE A 327 -0.88 -0.32 -8.05
C PHE A 327 -0.16 -0.61 -6.75
N VAL A 328 -0.14 0.33 -5.83
CA VAL A 328 0.49 0.14 -4.51
C VAL A 328 -0.48 0.60 -3.42
N GLY A 329 -0.03 0.52 -2.18
CA GLY A 329 -0.86 0.89 -1.05
C GLY A 329 -1.44 -0.34 -0.34
N ASN A 330 -1.81 -0.15 0.92
CA ASN A 330 -2.13 -1.32 1.72
C ASN A 330 -3.56 -1.83 1.52
N PHE A 331 -4.38 -1.13 0.73
CA PHE A 331 -5.62 -1.77 0.30
C PHE A 331 -5.35 -3.12 -0.35
N LEU A 332 -4.19 -3.27 -0.99
CA LEU A 332 -3.86 -4.51 -1.69
C LEU A 332 -3.03 -5.49 -0.87
N ARG A 333 -2.63 -5.16 0.36
CA ARG A 333 -1.89 -6.15 1.12
C ARG A 333 -2.81 -7.33 1.46
N VAL A 334 -2.25 -8.54 1.35
CA VAL A 334 -2.91 -9.84 1.47
C VAL A 334 -4.26 -9.85 0.76
N ASN A 335 -4.35 -9.16 -0.39
CA ASN A 335 -5.62 -8.96 -1.11
C ASN A 335 -5.45 -9.38 -2.57
N THR A 336 -5.28 -10.69 -2.79
CA THR A 336 -5.10 -11.18 -4.15
C THR A 336 -6.35 -11.00 -5.00
N LEU A 337 -7.52 -11.07 -4.37
CA LEU A 337 -8.77 -10.91 -5.11
C LEU A 337 -8.81 -9.55 -5.81
N SER A 338 -8.51 -8.48 -5.07
CA SER A 338 -8.52 -7.16 -5.69
C SER A 338 -7.44 -7.04 -6.75
N MET A 339 -6.25 -7.62 -6.51
CA MET A 339 -5.21 -7.54 -7.53
C MET A 339 -5.64 -8.23 -8.81
N LYS A 340 -6.27 -9.39 -8.69
CA LYS A 340 -6.68 -10.12 -9.89
C LYS A 340 -7.81 -9.40 -10.60
N LEU A 341 -8.71 -8.77 -9.84
CA LEU A 341 -9.78 -7.97 -10.45
C LEU A 341 -9.20 -6.80 -11.24
N LEU A 342 -8.19 -6.14 -10.67
CA LEU A 342 -7.53 -5.02 -11.35
C LEU A 342 -6.81 -5.50 -12.62
N ALA A 343 -6.08 -6.62 -12.50
CA ALA A 343 -5.36 -7.13 -13.66
C ALA A 343 -6.33 -7.51 -14.78
N TYR A 344 -7.45 -8.14 -14.42
CA TYR A 344 -8.41 -8.56 -15.43
C TYR A 344 -9.06 -7.35 -16.09
N ALA A 345 -9.43 -6.35 -15.28
CA ALA A 345 -10.16 -5.21 -15.79
C ALA A 345 -9.30 -4.39 -16.76
N LEU A 346 -8.05 -4.13 -16.41
CA LEU A 346 -7.19 -3.38 -17.31
C LEU A 346 -6.95 -4.16 -18.60
N ASP A 347 -6.66 -5.45 -18.47
CA ASP A 347 -6.39 -6.27 -19.66
C ASP A 347 -7.62 -6.37 -20.55
N TYR A 348 -8.79 -6.54 -19.94
CA TYR A 348 -10.02 -6.72 -20.73
C TYR A 348 -10.41 -5.44 -21.46
N TRP A 349 -10.49 -4.32 -20.73
CA TRP A 349 -10.97 -3.08 -21.35
C TRP A 349 -10.03 -2.56 -22.41
N SER A 350 -8.73 -2.81 -22.26
CA SER A 350 -7.71 -2.29 -23.18
C SER A 350 -7.35 -3.26 -24.28
N LYS A 351 -7.99 -4.43 -24.32
CA LYS A 351 -7.65 -5.50 -25.26
C LYS A 351 -6.15 -5.82 -25.22
N GLY A 352 -5.59 -5.79 -24.00
CA GLY A 352 -4.20 -6.17 -23.79
C GLY A 352 -3.19 -5.04 -23.86
N GLN A 353 -3.61 -3.82 -24.18
CA GLN A 353 -2.66 -2.73 -24.34
C GLN A 353 -2.21 -2.12 -23.02
N LEU A 354 -2.98 -2.29 -21.94
CA LEU A 354 -2.60 -1.83 -20.60
C LEU A 354 -2.31 -3.02 -19.71
N LYS A 355 -1.31 -2.89 -18.83
CA LYS A 355 -0.90 -3.95 -17.92
C LYS A 355 -0.95 -3.44 -16.48
N ALA A 356 -1.62 -4.19 -15.60
CA ALA A 356 -1.58 -3.89 -14.18
C ALA A 356 -0.32 -4.49 -13.58
N LEU A 357 0.44 -3.66 -12.87
CA LEU A 357 1.67 -4.09 -12.19
C LEU A 357 1.51 -3.94 -10.69
N PHE A 358 2.18 -4.83 -9.94
CA PHE A 358 2.11 -4.84 -8.49
C PHE A 358 3.52 -4.97 -7.93
N LEU A 359 3.70 -4.53 -6.68
CA LEU A 359 5.04 -4.52 -6.07
C LEU A 359 5.02 -5.25 -4.74
N GLU A 360 6.06 -6.04 -4.48
CA GLU A 360 6.05 -6.88 -3.27
C GLU A 360 6.03 -6.06 -1.99
N HIS A 361 6.52 -4.82 -2.01
CA HIS A 361 6.61 -4.08 -0.75
C HIS A 361 5.40 -3.19 -0.50
N GLU A 362 4.30 -3.44 -1.21
CA GLU A 362 2.95 -3.13 -0.72
C GLU A 362 2.77 -1.65 -0.41
N GLY A 363 2.80 -1.29 0.86
CA GLY A 363 2.54 0.08 1.23
C GLY A 363 3.70 0.79 1.89
N TYR A 364 4.93 0.31 1.69
CA TYR A 364 6.08 0.82 2.43
C TYR A 364 6.92 1.83 1.67
N PHE A 365 6.54 2.20 0.44
CA PHE A 365 7.46 3.00 -0.39
C PHE A 365 7.66 4.41 0.16
N GLY A 366 6.61 5.04 0.69
CA GLY A 366 6.78 6.34 1.31
C GLY A 366 7.78 6.33 2.45
N ALA A 367 7.68 5.32 3.33
CA ALA A 367 8.59 5.23 4.45
C ALA A 367 10.03 5.06 3.99
N VAL A 368 10.24 4.27 2.92
CA VAL A 368 11.59 4.10 2.38
C VAL A 368 12.08 5.42 1.78
N GLY A 369 11.22 6.09 1.02
CA GLY A 369 11.62 7.36 0.42
C GLY A 369 12.01 8.40 1.46
N ALA A 370 11.30 8.43 2.59
CA ALA A 370 11.66 9.32 3.68
C ALA A 370 13.04 8.96 4.22
N LEU A 371 13.28 7.68 4.47
CA LEU A 371 14.58 7.25 4.96
C LEU A 371 15.69 7.71 4.02
N LEU A 372 15.44 7.65 2.72
CA LEU A 372 16.43 8.06 1.74
C LEU A 372 16.73 9.56 1.77
N GLY A 373 15.89 10.37 2.44
CA GLY A 373 16.16 11.79 2.59
C GLY A 373 17.15 12.14 3.68
N LEU A 374 17.51 11.18 4.52
CA LEU A 374 18.39 11.42 5.66
C LEU A 374 19.68 12.15 5.30
N PRO A 375 20.45 11.75 4.27
CA PRO A 375 21.74 12.43 4.02
C PRO A 375 21.62 13.92 3.75
N ASN A 376 20.43 14.40 3.40
CA ASN A 376 20.22 15.82 3.14
C ASN A 376 20.14 16.65 4.41
N PHE A 377 20.24 16.02 5.57
CA PHE A 377 20.14 16.75 6.83
C PHE A 377 21.35 16.48 7.73
#